data_6VBY
#
_entry.id   6VBY
#
_cell.length_a   132.278
_cell.length_b   132.278
_cell.length_c   79.431
_cell.angle_alpha   90.000
_cell.angle_beta   90.000
_cell.angle_gamma   120.000
#
_symmetry.space_group_name_H-M   'P 32 2 1'
#
loop_
_entity.id
_entity.type
_entity.pdbx_description
1 polymer 'Cinnamic acid 4-hydroxylase'
2 non-polymer '4-(2-HYDROXYETHYL)-1-PIPERAZINE ETHANESULFONIC ACID'
3 non-polymer 'PROTOPORPHYRIN IX CONTAINING FE'
4 non-polymer GLYCEROL
5 water water
#
_entity_poly.entity_id   1
_entity_poly.type   'polypeptide(L)'
_entity_poly.pdbx_seq_one_letter_code
;MDLVLLEKALLGLFAAAVLAVAVAKLTGKRYRLPPGPAGAPVVGNWLQVGDDLNHRNLMSLAKRFGDIFLLRMGVRNLVV
VSTPELAKEVLHTQGVEFGSRTRNVVFDIFTGKGQDMVFTVYGDHWRKMRRIMTVPFFTNKVVAQNRVGWEEEARLVVED
VRKDPRAAAEGVVIRRRLQLMMYNDMFRIMFDTRFESEQDPLFNKLKALNAERSRLSQSFEYNYGDFIPVLRPFLRGYLN
RCHDLKTRRMKVFEDNFVQERKKVMAQTGEIRCAMDHILEAERKGEINHDNVLYIVENINVAAIETTLWSIEWGIAELVN
HPAIQSKLREEMDSVLGAGVPVTEPDLERLPYLQAIVKETLRLRMAIPLLVPHMNLNDGKLAGYDIPAESKILVNAWFLA
NDPKRWVRPDEFRPERFLEEEKTVEAHGNDFRFVPFGVGRRSCPGIILALPIIGITLGRLVQNFQLLPPPGQDKIDTTEK
PGQFSNQIAKHATIVCKPLEAHHHHHH
;
_entity_poly.pdbx_strand_id   A
#
loop_
_chem_comp.id
_chem_comp.type
_chem_comp.name
_chem_comp.formula
EPE non-polymer '4-(2-HYDROXYETHYL)-1-PIPERAZINE ETHANESULFONIC ACID' 'C8 H18 N2 O4 S'
GOL non-polymer GLYCEROL 'C3 H8 O3'
HEM non-polymer 'PROTOPORPHYRIN IX CONTAINING FE' 'C34 H32 Fe N4 O4'
#
# COMPACT_ATOMS: atom_id res chain seq x y z
N ARG A 32 20.18 -9.83 26.56
CA ARG A 32 19.46 -10.92 25.90
C ARG A 32 18.31 -10.36 25.06
N LEU A 33 17.28 -9.83 25.72
CA LEU A 33 16.23 -9.15 24.99
C LEU A 33 16.70 -7.77 24.53
N PRO A 34 16.13 -7.24 23.45
CA PRO A 34 16.51 -5.90 23.02
C PRO A 34 16.17 -4.88 24.10
N PRO A 35 16.89 -3.76 24.15
CA PRO A 35 16.56 -2.71 25.11
C PRO A 35 15.20 -2.10 24.81
N GLY A 36 14.69 -1.38 25.79
CA GLY A 36 13.41 -0.72 25.66
C GLY A 36 12.95 -0.13 26.97
N PRO A 37 11.84 0.60 26.94
CA PRO A 37 11.31 1.17 28.18
C PRO A 37 10.80 0.07 29.10
N ALA A 38 11.05 0.22 30.39
CA ALA A 38 10.54 -0.72 31.37
C ALA A 38 9.02 -0.69 31.35
N GLY A 39 8.41 -1.87 31.28
CA GLY A 39 6.97 -1.96 31.29
C GLY A 39 6.40 -2.06 32.68
N ALA A 40 5.08 -1.95 32.76
CA ALA A 40 4.34 -2.12 33.99
C ALA A 40 3.53 -3.41 33.93
N PRO A 41 3.09 -3.94 35.07
CA PRO A 41 2.33 -5.20 35.04
C PRO A 41 1.04 -5.11 34.20
N VAL A 42 0.73 -6.25 33.51
CA VAL A 42 -0.34 -6.60 32.57
C VAL A 42 -0.48 -5.56 31.45
N VAL A 43 -0.24 -4.25 31.66
CA VAL A 43 -0.33 -3.32 30.51
C VAL A 43 0.99 -3.19 29.75
N GLY A 44 2.09 -3.57 30.36
CA GLY A 44 3.39 -3.44 29.71
C GLY A 44 3.72 -1.97 29.47
N ASN A 45 4.01 -1.63 28.23
CA ASN A 45 4.30 -0.25 27.82
C ASN A 45 3.07 0.45 27.24
N TRP A 46 1.92 -0.23 27.22
CA TRP A 46 0.75 0.28 26.52
C TRP A 46 0.35 1.68 26.99
N LEU A 47 0.30 1.89 28.31
CA LEU A 47 -0.12 3.18 28.82
C LEU A 47 1.00 4.22 28.72
N GLN A 48 2.24 3.81 28.51
CA GLN A 48 3.31 4.78 28.32
C GLN A 48 3.35 5.30 26.89
N VAL A 49 3.10 4.41 25.91
CA VAL A 49 3.24 4.79 24.50
C VAL A 49 1.89 5.03 23.83
N GLY A 50 0.81 4.43 24.34
CA GLY A 50 -0.49 4.62 23.74
C GLY A 50 -0.72 3.71 22.55
N ASP A 51 -1.87 3.92 21.90
CA ASP A 51 -2.31 3.04 20.83
C ASP A 51 -1.67 3.38 19.50
N ASP A 52 -1.27 4.63 19.31
CA ASP A 52 -0.82 5.13 18.01
C ASP A 52 0.69 4.93 17.91
N LEU A 53 1.10 3.80 17.35
CA LEU A 53 2.50 3.50 17.10
C LEU A 53 2.76 3.74 15.61
N ASN A 54 3.51 4.81 15.31
CA ASN A 54 3.71 5.25 13.93
C ASN A 54 5.18 5.56 13.72
N HIS A 55 5.54 5.85 12.47
CA HIS A 55 6.96 5.96 12.15
C HIS A 55 7.61 7.17 12.83
N ARG A 56 6.81 8.13 13.31
CA ARG A 56 7.39 9.30 13.97
C ARG A 56 7.75 9.01 15.43
N ASN A 57 6.81 8.46 16.22
CA ASN A 57 7.13 8.21 17.62
C ASN A 57 7.97 6.94 17.80
N LEU A 58 8.00 6.04 16.81
CA LEU A 58 8.97 4.96 16.85
C LEU A 58 10.37 5.47 16.56
N MET A 59 10.49 6.52 15.75
CA MET A 59 11.79 7.19 15.61
C MET A 59 12.26 7.75 16.93
N SER A 60 11.38 8.45 17.65
CA SER A 60 11.76 9.01 18.94
C SER A 60 12.24 7.92 19.89
N LEU A 61 11.54 6.79 19.93
CA LEU A 61 11.96 5.68 20.77
C LEU A 61 13.30 5.14 20.31
N ALA A 62 13.51 5.04 18.98
CA ALA A 62 14.81 4.61 18.48
C ALA A 62 15.90 5.60 18.86
N LYS A 63 15.57 6.89 18.94
CA LYS A 63 16.56 7.87 19.39
C LYS A 63 16.95 7.62 20.84
N ARG A 64 16.04 7.11 21.66
CA ARG A 64 16.35 6.83 23.05
C ARG A 64 17.04 5.48 23.22
N PHE A 65 16.60 4.45 22.49
CA PHE A 65 16.95 3.08 22.80
C PHE A 65 17.80 2.38 21.74
N GLY A 66 17.93 2.94 20.55
CA GLY A 66 18.88 2.45 19.58
C GLY A 66 18.25 1.77 18.39
N ASP A 67 19.08 1.02 17.66
CA ASP A 67 18.71 0.48 16.36
C ASP A 67 17.64 -0.60 16.45
N ILE A 68 17.49 -1.25 17.60
CA ILE A 68 16.48 -2.27 17.81
C ILE A 68 15.99 -2.13 19.24
N PHE A 69 14.67 -2.04 19.43
CA PHE A 69 14.14 -1.92 20.77
C PHE A 69 12.84 -2.72 20.86
N LEU A 70 12.46 -3.02 22.09
CA LEU A 70 11.30 -3.87 22.39
C LEU A 70 10.24 -3.07 23.13
N LEU A 71 8.99 -3.28 22.75
CA LEU A 71 7.84 -2.80 23.47
C LEU A 71 6.96 -3.99 23.83
N ARG A 72 6.28 -3.88 24.98
CA ARG A 72 5.26 -4.86 25.38
C ARG A 72 3.92 -4.14 25.37
N MET A 73 3.05 -4.54 24.44
CA MET A 73 1.67 -4.05 24.41
C MET A 73 0.85 -5.13 25.12
N GLY A 74 0.72 -4.98 26.44
CA GLY A 74 0.21 -6.07 27.24
C GLY A 74 1.12 -7.28 27.07
N VAL A 75 0.54 -8.39 26.63
CA VAL A 75 1.33 -9.61 26.46
C VAL A 75 2.07 -9.68 25.13
N ARG A 76 1.82 -8.75 24.23
CA ARG A 76 2.34 -8.82 22.87
C ARG A 76 3.72 -8.17 22.77
N ASN A 77 4.68 -8.92 22.26
CA ASN A 77 6.02 -8.40 22.04
C ASN A 77 6.09 -7.67 20.70
N LEU A 78 6.65 -6.47 20.72
N LEU A 78 6.74 -6.49 20.72
CA LEU A 78 6.88 -5.67 19.52
CA LEU A 78 6.89 -5.62 19.55
C LEU A 78 8.37 -5.31 19.47
C LEU A 78 8.35 -5.24 19.45
N VAL A 79 9.01 -5.64 18.35
CA VAL A 79 10.41 -5.32 18.12
C VAL A 79 10.51 -4.40 16.90
N VAL A 80 11.16 -3.26 17.06
CA VAL A 80 11.27 -2.24 16.02
C VAL A 80 12.74 -2.07 15.67
N VAL A 81 13.05 -2.20 14.38
CA VAL A 81 14.42 -2.05 13.89
C VAL A 81 14.49 -0.84 12.97
N SER A 82 15.62 -0.13 13.01
CA SER A 82 15.69 1.19 12.39
C SER A 82 16.99 1.42 11.62
N THR A 83 17.64 0.36 11.14
CA THR A 83 18.83 0.49 10.33
C THR A 83 18.69 -0.37 9.08
N PRO A 84 19.35 0.02 7.98
CA PRO A 84 19.33 -0.86 6.80
C PRO A 84 19.92 -2.23 7.08
N GLU A 85 20.95 -2.29 7.93
CA GLU A 85 21.54 -3.57 8.30
C GLU A 85 20.50 -4.50 8.92
N LEU A 86 19.68 -3.96 9.83
CA LEU A 86 18.66 -4.79 10.47
C LEU A 86 17.49 -5.09 9.53
N ALA A 87 17.14 -4.15 8.64
CA ALA A 87 16.16 -4.48 7.62
C ALA A 87 16.64 -5.65 6.76
N LYS A 88 17.93 -5.64 6.40
CA LYS A 88 18.48 -6.76 5.63
C LYS A 88 18.33 -8.06 6.41
N GLU A 89 18.58 -8.04 7.72
N GLU A 89 18.59 -8.03 7.72
CA GLU A 89 18.47 -9.26 8.50
CA GLU A 89 18.46 -9.23 8.53
C GLU A 89 17.03 -9.76 8.53
C GLU A 89 17.03 -9.75 8.54
N VAL A 90 16.07 -8.86 8.75
CA VAL A 90 14.67 -9.27 8.89
C VAL A 90 14.10 -9.72 7.55
N LEU A 91 14.44 -9.01 6.48
CA LEU A 91 13.78 -9.23 5.20
C LEU A 91 14.52 -10.21 4.32
N HIS A 92 15.84 -10.30 4.45
CA HIS A 92 16.65 -11.09 3.52
C HIS A 92 17.44 -12.18 4.24
N THR A 93 18.45 -11.81 5.03
CA THR A 93 19.37 -12.81 5.58
C THR A 93 18.64 -13.86 6.40
N GLN A 94 17.71 -13.42 7.26
CA GLN A 94 16.82 -14.33 7.98
C GLN A 94 15.39 -14.17 7.49
N GLY A 95 15.23 -14.10 6.17
CA GLY A 95 13.91 -13.85 5.60
C GLY A 95 12.91 -14.94 5.93
N VAL A 96 13.35 -16.18 6.02
CA VAL A 96 12.46 -17.27 6.42
C VAL A 96 12.11 -17.15 7.90
N GLU A 97 13.13 -17.00 8.74
CA GLU A 97 12.92 -17.01 10.18
C GLU A 97 11.94 -15.92 10.60
N PHE A 98 11.98 -14.78 9.93
CA PHE A 98 11.09 -13.66 10.23
C PHE A 98 10.10 -13.41 9.10
N GLY A 99 9.77 -14.47 8.35
CA GLY A 99 8.95 -14.32 7.17
C GLY A 99 7.47 -14.61 7.38
N SER A 100 7.02 -14.62 8.62
CA SER A 100 5.60 -14.80 8.91
C SER A 100 4.95 -13.46 9.22
N ARG A 101 3.62 -13.50 9.37
CA ARG A 101 2.83 -12.36 9.74
C ARG A 101 2.30 -12.56 11.16
N THR A 102 2.12 -11.45 11.87
CA THR A 102 1.34 -11.50 13.10
C THR A 102 -0.15 -11.49 12.76
N ARG A 103 -0.96 -11.97 13.69
CA ARG A 103 -2.39 -11.84 13.57
C ARG A 103 -2.96 -11.60 14.96
N ASN A 104 -4.26 -11.33 15.01
CA ASN A 104 -5.00 -11.16 16.25
C ASN A 104 -6.41 -11.66 15.98
N VAL A 105 -7.28 -11.56 16.98
CA VAL A 105 -8.60 -12.17 16.83
C VAL A 105 -9.39 -11.51 15.72
N VAL A 106 -9.12 -10.24 15.43
CA VAL A 106 -9.86 -9.54 14.38
C VAL A 106 -9.35 -9.95 13.00
N PHE A 107 -8.04 -9.84 12.77
CA PHE A 107 -7.50 -10.26 11.49
C PHE A 107 -7.77 -11.74 11.22
N ASP A 108 -7.87 -12.56 12.29
CA ASP A 108 -8.16 -13.97 12.10
C ASP A 108 -9.53 -14.16 11.45
N ILE A 109 -10.52 -13.36 11.85
CA ILE A 109 -11.83 -13.45 11.22
C ILE A 109 -11.73 -13.12 9.74
N PHE A 110 -11.08 -12.00 9.41
CA PHE A 110 -11.07 -11.52 8.03
C PHE A 110 -10.21 -12.38 7.12
N THR A 111 -9.21 -13.09 7.65
CA THR A 111 -8.30 -13.89 6.84
C THR A 111 -8.55 -15.39 6.98
N GLY A 112 -9.56 -15.81 7.76
CA GLY A 112 -9.72 -17.23 8.02
C GLY A 112 -8.52 -17.81 8.73
N LYS A 113 -7.91 -17.05 9.63
CA LYS A 113 -6.71 -17.48 10.35
C LYS A 113 -5.59 -17.84 9.38
N GLY A 114 -5.33 -16.92 8.45
CA GLY A 114 -4.21 -17.08 7.54
C GLY A 114 -4.43 -18.04 6.40
N GLN A 115 -5.68 -18.18 5.94
CA GLN A 115 -5.96 -18.88 4.70
C GLN A 115 -5.89 -17.96 3.50
N ASP A 116 -5.41 -16.73 3.70
CA ASP A 116 -5.25 -15.76 2.62
C ASP A 116 -3.83 -15.80 2.09
N MET A 117 -3.37 -14.68 1.53
CA MET A 117 -2.01 -14.53 1.03
C MET A 117 -1.18 -13.61 1.91
N VAL A 118 -1.72 -12.45 2.28
CA VAL A 118 -0.91 -11.47 2.98
C VAL A 118 -0.60 -11.93 4.40
N PHE A 119 -1.63 -12.34 5.14
CA PHE A 119 -1.53 -12.55 6.58
C PHE A 119 -1.33 -14.01 6.97
N THR A 120 -0.76 -14.80 6.08
CA THR A 120 -0.41 -16.18 6.40
C THR A 120 1.01 -16.22 6.96
N VAL A 121 1.25 -17.22 7.82
CA VAL A 121 2.62 -17.47 8.27
C VAL A 121 3.42 -18.06 7.11
N TYR A 122 4.74 -18.03 7.26
CA TYR A 122 5.60 -18.64 6.26
C TYR A 122 5.45 -20.16 6.30
N GLY A 123 5.22 -20.76 5.14
CA GLY A 123 5.02 -22.19 5.07
C GLY A 123 4.49 -22.59 3.70
N ASP A 124 4.02 -23.84 3.63
CA ASP A 124 3.61 -24.40 2.35
C ASP A 124 2.38 -23.69 1.80
N HIS A 125 1.44 -23.30 2.67
CA HIS A 125 0.27 -22.58 2.19
C HIS A 125 0.68 -21.26 1.54
N TRP A 126 1.58 -20.52 2.19
CA TRP A 126 2.03 -19.26 1.62
C TRP A 126 2.74 -19.48 0.30
N ARG A 127 3.61 -20.49 0.23
CA ARG A 127 4.28 -20.79 -1.03
C ARG A 127 3.28 -21.07 -2.13
N LYS A 128 2.25 -21.86 -1.83
CA LYS A 128 1.26 -22.22 -2.85
C LYS A 128 0.50 -21.00 -3.33
N MET A 129 0.03 -20.16 -2.39
CA MET A 129 -0.72 -18.97 -2.76
C MET A 129 0.15 -18.02 -3.58
N ARG A 130 1.39 -17.78 -3.11
CA ARG A 130 2.29 -16.89 -3.83
C ARG A 130 2.52 -17.38 -5.25
N ARG A 131 2.65 -18.70 -5.42
CA ARG A 131 2.89 -19.25 -6.75
C ARG A 131 1.65 -19.11 -7.64
N ILE A 132 0.48 -19.45 -7.10
CA ILE A 132 -0.74 -19.43 -7.92
C ILE A 132 -1.06 -18.02 -8.40
N MET A 133 -0.65 -17.01 -7.63
CA MET A 133 -0.97 -15.64 -7.98
C MET A 133 0.01 -15.02 -8.97
N THR A 134 1.16 -15.66 -9.22
CA THR A 134 2.20 -15.00 -10.01
C THR A 134 1.74 -14.80 -11.45
N VAL A 135 1.36 -15.88 -12.13
CA VAL A 135 0.96 -15.77 -13.54
C VAL A 135 -0.23 -14.82 -13.70
N PRO A 136 -1.31 -14.93 -12.92
CA PRO A 136 -2.48 -14.07 -13.20
C PRO A 136 -2.27 -12.62 -12.84
N PHE A 137 -1.41 -12.30 -11.87
CA PHE A 137 -1.34 -10.94 -11.34
C PHE A 137 -0.02 -10.23 -11.57
N PHE A 138 1.11 -10.93 -11.59
CA PHE A 138 2.38 -10.30 -11.27
C PHE A 138 3.47 -10.67 -12.27
N THR A 139 3.23 -10.43 -13.55
CA THR A 139 4.24 -10.62 -14.58
C THR A 139 4.22 -9.47 -15.57
N ASN A 140 5.27 -9.39 -16.40
CA ASN A 140 5.28 -8.41 -17.48
C ASN A 140 4.12 -8.64 -18.44
N LYS A 141 3.68 -9.89 -18.60
CA LYS A 141 2.54 -10.16 -19.48
C LYS A 141 1.25 -9.55 -18.92
N VAL A 142 1.03 -9.68 -17.61
CA VAL A 142 -0.12 -9.02 -16.99
C VAL A 142 -0.06 -7.52 -17.24
N VAL A 143 1.14 -6.93 -17.10
CA VAL A 143 1.30 -5.51 -17.37
C VAL A 143 0.93 -5.20 -18.81
N ALA A 144 1.43 -6.01 -19.75
CA ALA A 144 1.18 -5.75 -21.17
C ALA A 144 -0.29 -5.91 -21.52
N GLN A 145 -1.00 -6.81 -20.85
CA GLN A 145 -2.41 -7.02 -21.15
C GLN A 145 -3.31 -5.98 -20.51
N ASN A 146 -2.82 -5.25 -19.50
CA ASN A 146 -3.65 -4.31 -18.76
C ASN A 146 -3.26 -2.85 -18.92
N ARG A 147 -2.09 -2.57 -19.52
CA ARG A 147 -1.60 -1.19 -19.52
C ARG A 147 -2.52 -0.25 -20.28
N VAL A 148 -3.12 -0.70 -21.39
CA VAL A 148 -3.97 0.22 -22.13
C VAL A 148 -5.24 0.54 -21.34
N GLY A 149 -5.68 -0.39 -20.48
CA GLY A 149 -6.77 -0.08 -19.58
C GLY A 149 -6.37 0.93 -18.53
N TRP A 150 -5.18 0.78 -17.94
CA TRP A 150 -4.69 1.78 -17.00
C TRP A 150 -4.55 3.14 -17.68
N GLU A 151 -4.02 3.15 -18.91
CA GLU A 151 -3.84 4.40 -19.63
C GLU A 151 -5.18 5.06 -19.91
N GLU A 152 -6.20 4.28 -20.25
CA GLU A 152 -7.51 4.87 -20.50
C GLU A 152 -8.14 5.37 -19.21
N GLU A 153 -8.05 4.60 -18.13
CA GLU A 153 -8.63 5.05 -16.86
C GLU A 153 -7.97 6.34 -16.41
N ALA A 154 -6.67 6.48 -16.63
CA ALA A 154 -6.01 7.75 -16.33
C ALA A 154 -6.55 8.87 -17.21
N ARG A 155 -6.74 8.61 -18.50
N ARG A 155 -6.75 8.61 -18.50
CA ARG A 155 -7.30 9.64 -19.37
CA ARG A 155 -7.31 9.63 -19.37
C ARG A 155 -8.70 10.03 -18.91
C ARG A 155 -8.70 10.03 -18.92
N LEU A 156 -9.50 9.05 -18.46
CA LEU A 156 -10.85 9.36 -18.00
C LEU A 156 -10.83 10.21 -16.74
N VAL A 157 -9.83 10.04 -15.88
CA VAL A 157 -9.66 10.96 -14.77
C VAL A 157 -9.46 12.37 -15.28
N VAL A 158 -8.54 12.54 -16.24
CA VAL A 158 -8.26 13.85 -16.80
C VAL A 158 -9.53 14.46 -17.38
N GLU A 159 -10.30 13.65 -18.14
CA GLU A 159 -11.49 14.17 -18.79
C GLU A 159 -12.55 14.59 -17.79
N ASP A 160 -12.75 13.79 -16.75
CA ASP A 160 -13.75 14.14 -15.74
C ASP A 160 -13.35 15.39 -14.96
N VAL A 161 -12.06 15.51 -14.63
CA VAL A 161 -11.58 16.72 -13.95
C VAL A 161 -11.62 17.90 -14.92
N ARG A 162 -11.23 17.67 -16.18
N ARG A 162 -11.23 17.67 -16.18
CA ARG A 162 -11.20 18.74 -17.16
CA ARG A 162 -11.21 18.75 -17.17
C ARG A 162 -12.57 19.40 -17.31
C ARG A 162 -12.57 19.40 -17.31
N LYS A 163 -13.64 18.63 -17.18
CA LYS A 163 -14.99 19.15 -17.37
C LYS A 163 -15.64 19.64 -16.08
N ASP A 164 -15.04 19.37 -14.93
CA ASP A 164 -15.58 19.83 -13.66
C ASP A 164 -15.32 21.33 -13.51
N PRO A 165 -16.35 22.18 -13.45
CA PRO A 165 -16.09 23.62 -13.34
C PRO A 165 -15.27 23.99 -12.11
N ARG A 166 -15.44 23.26 -11.00
CA ARG A 166 -14.70 23.58 -9.79
C ARG A 166 -13.20 23.39 -9.98
N ALA A 167 -12.79 22.47 -10.86
CA ALA A 167 -11.40 22.03 -10.90
C ALA A 167 -10.46 23.19 -11.20
N ALA A 168 -10.85 24.07 -12.13
CA ALA A 168 -9.99 25.19 -12.52
C ALA A 168 -10.22 26.42 -11.65
N ALA A 169 -11.17 26.36 -10.70
CA ALA A 169 -11.51 27.52 -9.89
C ALA A 169 -11.05 27.23 -8.46
N GLU A 170 -11.92 26.74 -7.59
CA GLU A 170 -11.52 26.46 -6.21
C GLU A 170 -10.74 25.16 -6.07
N GLY A 171 -10.75 24.30 -7.07
CA GLY A 171 -10.06 23.03 -7.03
C GLY A 171 -11.01 21.89 -6.68
N VAL A 172 -10.49 20.67 -6.86
CA VAL A 172 -11.23 19.46 -6.55
C VAL A 172 -10.39 18.58 -5.65
N VAL A 173 -11.06 17.78 -4.82
CA VAL A 173 -10.40 16.78 -4.00
C VAL A 173 -10.14 15.57 -4.90
N ILE A 174 -8.98 15.59 -5.58
CA ILE A 174 -8.80 14.73 -6.73
C ILE A 174 -8.65 13.26 -6.36
N ARG A 175 -8.33 12.94 -5.10
CA ARG A 175 -8.23 11.53 -4.72
C ARG A 175 -9.56 10.80 -4.88
N ARG A 176 -10.68 11.53 -4.86
CA ARG A 176 -11.98 10.89 -5.04
C ARG A 176 -12.09 10.27 -6.44
N ARG A 177 -11.79 11.05 -7.48
CA ARG A 177 -11.84 10.49 -8.83
C ARG A 177 -10.72 9.49 -9.04
N LEU A 178 -9.55 9.73 -8.45
CA LEU A 178 -8.46 8.77 -8.56
C LEU A 178 -8.79 7.45 -7.86
N GLN A 179 -9.63 7.50 -6.83
CA GLN A 179 -10.06 6.28 -6.19
C GLN A 179 -10.85 5.39 -7.15
N LEU A 180 -11.75 5.99 -7.92
CA LEU A 180 -12.46 5.23 -8.95
C LEU A 180 -11.49 4.66 -9.96
N MET A 181 -10.47 5.44 -10.33
CA MET A 181 -9.46 4.94 -11.25
C MET A 181 -8.74 3.72 -10.68
N MET A 182 -8.37 3.77 -9.40
CA MET A 182 -7.67 2.63 -8.81
C MET A 182 -8.57 1.40 -8.74
N TYR A 183 -9.83 1.60 -8.34
CA TYR A 183 -10.77 0.48 -8.37
C TYR A 183 -10.86 -0.14 -9.76
N ASN A 184 -10.97 0.71 -10.79
CA ASN A 184 -11.12 0.19 -12.14
C ASN A 184 -9.86 -0.51 -12.62
N ASP A 185 -8.69 0.06 -12.30
CA ASP A 185 -7.45 -0.61 -12.66
C ASP A 185 -7.37 -2.00 -12.05
N MET A 186 -7.74 -2.13 -10.78
CA MET A 186 -7.58 -3.41 -10.10
C MET A 186 -8.70 -4.38 -10.45
N PHE A 187 -9.93 -3.89 -10.67
CA PHE A 187 -10.99 -4.80 -11.07
C PHE A 187 -10.92 -5.16 -12.55
N ARG A 188 -10.27 -4.35 -13.37
CA ARG A 188 -9.94 -4.80 -14.72
C ARG A 188 -9.04 -6.02 -14.66
N ILE A 189 -7.99 -5.95 -13.84
CA ILE A 189 -7.06 -7.08 -13.71
C ILE A 189 -7.79 -8.30 -13.16
N MET A 190 -8.54 -8.12 -12.08
CA MET A 190 -9.14 -9.25 -11.40
C MET A 190 -10.26 -9.87 -12.22
N PHE A 191 -11.21 -9.06 -12.68
CA PHE A 191 -12.46 -9.57 -13.22
C PHE A 191 -12.77 -9.04 -14.62
N ASP A 192 -11.86 -8.30 -15.24
CA ASP A 192 -12.13 -7.68 -16.54
C ASP A 192 -13.39 -6.83 -16.49
N THR A 193 -13.56 -6.09 -15.39
CA THR A 193 -14.73 -5.24 -15.23
C THR A 193 -14.29 -3.89 -14.67
N ARG A 194 -15.19 -2.92 -14.76
CA ARG A 194 -14.93 -1.58 -14.25
C ARG A 194 -16.23 -0.98 -13.75
N PHE A 195 -16.10 0.15 -13.04
CA PHE A 195 -17.23 0.89 -12.53
C PHE A 195 -17.37 2.19 -13.33
N GLU A 196 -18.61 2.49 -13.73
CA GLU A 196 -18.82 3.51 -14.75
C GLU A 196 -18.58 4.91 -14.22
N SER A 197 -18.90 5.16 -12.95
CA SER A 197 -18.81 6.51 -12.41
C SER A 197 -18.71 6.44 -10.89
N GLU A 198 -18.39 7.60 -10.30
CA GLU A 198 -18.38 7.72 -8.85
C GLU A 198 -19.77 7.55 -8.24
N GLN A 199 -20.82 7.60 -9.05
CA GLN A 199 -22.18 7.41 -8.58
C GLN A 199 -22.68 5.98 -8.79
N ASP A 200 -21.86 5.09 -9.32
CA ASP A 200 -22.31 3.74 -9.57
C ASP A 200 -22.70 3.07 -8.26
N PRO A 201 -23.90 2.50 -8.15
CA PRO A 201 -24.32 1.90 -6.87
C PRO A 201 -23.38 0.79 -6.39
N LEU A 202 -22.98 -0.12 -7.28
CA LEU A 202 -22.10 -1.20 -6.86
C LEU A 202 -20.76 -0.67 -6.39
N PHE A 203 -20.19 0.29 -7.13
CA PHE A 203 -18.94 0.92 -6.73
C PHE A 203 -19.04 1.47 -5.30
N ASN A 204 -20.11 2.22 -5.02
CA ASN A 204 -20.24 2.82 -3.70
C ASN A 204 -20.49 1.77 -2.63
N LYS A 205 -21.26 0.72 -2.95
CA LYS A 205 -21.47 -0.34 -1.98
C LYS A 205 -20.14 -1.03 -1.64
N LEU A 206 -19.37 -1.36 -2.67
CA LEU A 206 -18.08 -2.03 -2.46
C LEU A 206 -17.13 -1.12 -1.69
N LYS A 207 -17.04 0.15 -2.08
CA LYS A 207 -16.20 1.11 -1.38
C LYS A 207 -16.49 1.11 0.12
N ALA A 208 -17.77 1.12 0.49
CA ALA A 208 -18.13 1.21 1.89
C ALA A 208 -17.76 -0.05 2.65
N LEU A 209 -17.90 -1.22 2.00
CA LEU A 209 -17.52 -2.46 2.64
C LEU A 209 -16.01 -2.54 2.82
N ASN A 210 -15.26 -2.13 1.81
CA ASN A 210 -13.80 -2.11 1.94
C ASN A 210 -13.37 -1.15 3.03
N ALA A 211 -14.01 0.02 3.10
CA ALA A 211 -13.69 0.98 4.17
C ALA A 211 -13.96 0.38 5.54
N GLU A 212 -15.10 -0.30 5.70
CA GLU A 212 -15.43 -0.87 7.00
C GLU A 212 -14.53 -2.05 7.33
N ARG A 213 -14.14 -2.83 6.33
CA ARG A 213 -13.19 -3.92 6.53
C ARG A 213 -11.90 -3.40 7.18
N SER A 214 -11.33 -2.33 6.63
CA SER A 214 -10.08 -1.81 7.15
C SER A 214 -10.28 -1.00 8.43
N ARG A 215 -11.41 -0.28 8.54
CA ARG A 215 -11.68 0.42 9.78
C ARG A 215 -11.74 -0.56 10.95
N LEU A 216 -12.37 -1.71 10.76
CA LEU A 216 -12.52 -2.67 11.85
C LEU A 216 -11.17 -3.30 12.22
N SER A 217 -10.31 -3.55 11.24
CA SER A 217 -9.04 -4.19 11.55
C SER A 217 -8.02 -3.19 12.11
N GLN A 218 -8.13 -1.92 11.75
CA GLN A 218 -7.17 -0.91 12.18
C GLN A 218 -7.63 -0.11 13.38
N SER A 219 -8.87 -0.29 13.83
CA SER A 219 -9.36 0.48 14.96
C SER A 219 -8.62 0.10 16.23
N PHE A 220 -8.29 1.12 17.04
CA PHE A 220 -7.68 0.89 18.34
C PHE A 220 -8.65 0.26 19.33
N GLU A 221 -9.96 0.24 19.05
N GLU A 221 -9.95 0.23 19.03
CA GLU A 221 -10.92 0.00 20.10
CA GLU A 221 -10.95 -0.01 20.06
C GLU A 221 -10.96 -1.45 20.58
C GLU A 221 -10.94 -1.45 20.58
N TYR A 222 -10.31 -2.39 19.88
CA TYR A 222 -10.25 -3.77 20.33
C TYR A 222 -8.91 -4.13 20.97
N ASN A 223 -8.01 -3.15 21.14
CA ASN A 223 -6.66 -3.47 21.61
C ASN A 223 -6.69 -4.10 23.00
N TYR A 224 -7.61 -3.67 23.87
CA TYR A 224 -7.64 -4.20 25.23
C TYR A 224 -7.71 -5.73 25.22
N GLY A 225 -8.48 -6.31 24.28
CA GLY A 225 -8.66 -7.74 24.24
C GLY A 225 -7.54 -8.49 23.56
N ASP A 226 -6.75 -7.80 22.75
CA ASP A 226 -5.55 -8.40 22.18
C ASP A 226 -4.38 -8.32 23.16
N PHE A 227 -4.24 -7.16 23.83
CA PHE A 227 -3.11 -6.96 24.74
C PHE A 227 -3.33 -7.63 26.09
N ILE A 228 -4.58 -7.77 26.52
CA ILE A 228 -4.93 -8.42 27.77
C ILE A 228 -5.90 -9.55 27.44
N PRO A 229 -5.41 -10.71 26.98
CA PRO A 229 -6.31 -11.70 26.35
C PRO A 229 -7.39 -12.22 27.28
N VAL A 230 -7.22 -12.12 28.60
CA VAL A 230 -8.28 -12.60 29.49
C VAL A 230 -9.55 -11.79 29.33
N LEU A 231 -9.47 -10.61 28.71
CA LEU A 231 -10.63 -9.78 28.43
C LEU A 231 -11.30 -10.13 27.11
N ARG A 232 -10.77 -11.12 26.40
CA ARG A 232 -11.31 -11.50 25.10
C ARG A 232 -12.82 -11.70 25.09
N PRO A 233 -13.46 -12.25 26.13
CA PRO A 233 -14.93 -12.39 26.09
C PRO A 233 -15.66 -11.08 25.87
N PHE A 234 -15.11 -9.95 26.32
CA PHE A 234 -15.79 -8.67 26.13
C PHE A 234 -15.75 -8.19 24.69
N LEU A 235 -14.93 -8.81 23.85
CA LEU A 235 -14.88 -8.46 22.44
C LEU A 235 -15.99 -9.13 21.63
N ARG A 236 -16.88 -9.91 22.26
CA ARG A 236 -17.90 -10.64 21.53
C ARG A 236 -18.64 -9.74 20.55
N GLY A 237 -19.09 -8.57 21.01
CA GLY A 237 -19.82 -7.68 20.13
C GLY A 237 -18.97 -7.16 18.99
N TYR A 238 -17.73 -6.76 19.28
CA TYR A 238 -16.85 -6.27 18.23
C TYR A 238 -16.61 -7.36 17.19
N LEU A 239 -16.36 -8.59 17.63
CA LEU A 239 -16.09 -9.68 16.71
C LEU A 239 -17.34 -10.06 15.92
N ASN A 240 -18.53 -9.96 16.53
CA ASN A 240 -19.76 -10.18 15.76
C ASN A 240 -19.85 -9.17 14.62
N ARG A 241 -19.50 -7.92 14.89
CA ARG A 241 -19.49 -6.90 13.84
C ARG A 241 -18.52 -7.27 12.72
N CYS A 242 -17.36 -7.84 13.08
CA CYS A 242 -16.41 -8.25 12.06
C CYS A 242 -16.94 -9.41 11.24
N HIS A 243 -17.53 -10.40 11.90
CA HIS A 243 -18.15 -11.51 11.19
C HIS A 243 -19.15 -11.01 10.16
N ASP A 244 -20.06 -10.12 10.59
CA ASP A 244 -21.10 -9.65 9.69
C ASP A 244 -20.52 -8.86 8.52
N LEU A 245 -19.50 -8.03 8.78
CA LEU A 245 -18.88 -7.31 7.68
C LEU A 245 -18.28 -8.29 6.67
N LYS A 246 -17.54 -9.28 7.17
CA LYS A 246 -16.99 -10.30 6.28
C LYS A 246 -18.10 -10.98 5.49
N THR A 247 -19.21 -11.30 6.14
CA THR A 247 -20.34 -11.93 5.45
C THR A 247 -20.84 -11.05 4.32
N ARG A 248 -21.03 -9.76 4.58
CA ARG A 248 -21.54 -8.87 3.54
C ARG A 248 -20.51 -8.66 2.44
N ARG A 249 -19.24 -8.48 2.81
CA ARG A 249 -18.21 -8.19 1.83
C ARG A 249 -17.95 -9.40 0.93
N MET A 250 -17.79 -10.58 1.53
CA MET A 250 -17.60 -11.79 0.73
C MET A 250 -18.82 -12.05 -0.16
N LYS A 251 -20.02 -11.73 0.33
CA LYS A 251 -21.21 -11.93 -0.48
C LYS A 251 -21.17 -11.06 -1.73
N VAL A 252 -20.69 -9.82 -1.60
CA VAL A 252 -20.61 -8.95 -2.77
C VAL A 252 -19.54 -9.46 -3.74
N PHE A 253 -18.38 -9.84 -3.22
CA PHE A 253 -17.37 -10.47 -4.08
C PHE A 253 -17.96 -11.65 -4.82
N GLU A 254 -18.66 -12.53 -4.10
CA GLU A 254 -19.21 -13.74 -4.69
C GLU A 254 -20.34 -13.41 -5.67
N ASP A 255 -21.35 -12.68 -5.20
CA ASP A 255 -22.55 -12.47 -6.01
C ASP A 255 -22.25 -11.63 -7.24
N ASN A 256 -21.42 -10.59 -7.09
CA ASN A 256 -21.30 -9.58 -8.12
C ASN A 256 -20.07 -9.71 -8.98
N PHE A 257 -19.10 -10.57 -8.61
CA PHE A 257 -17.90 -10.69 -9.43
C PHE A 257 -17.51 -12.15 -9.67
N VAL A 258 -17.43 -12.96 -8.62
CA VAL A 258 -16.89 -14.31 -8.78
C VAL A 258 -17.86 -15.19 -9.56
N GLN A 259 -19.14 -15.18 -9.19
CA GLN A 259 -20.09 -16.05 -9.87
C GLN A 259 -20.21 -15.70 -11.35
N GLU A 260 -20.06 -14.42 -11.70
CA GLU A 260 -20.08 -14.05 -13.12
C GLU A 260 -18.93 -14.71 -13.87
N ARG A 261 -17.76 -14.81 -13.24
CA ARG A 261 -16.62 -15.40 -13.92
C ARG A 261 -16.83 -16.89 -14.17
N LYS A 262 -17.38 -17.62 -13.18
CA LYS A 262 -17.72 -19.01 -13.43
C LYS A 262 -18.67 -19.14 -14.61
N LYS A 263 -19.65 -18.24 -14.69
CA LYS A 263 -20.57 -18.23 -15.81
C LYS A 263 -19.84 -17.91 -17.11
N VAL A 264 -19.04 -16.85 -17.12
CA VAL A 264 -18.35 -16.47 -18.35
C VAL A 264 -17.31 -17.51 -18.71
N MET A 265 -16.65 -18.08 -17.72
CA MET A 265 -15.70 -19.13 -18.03
C MET A 265 -16.34 -20.30 -18.77
N ALA A 266 -17.55 -20.70 -18.34
CA ALA A 266 -18.19 -21.86 -18.93
C ALA A 266 -18.63 -21.55 -20.35
N GLN A 267 -19.12 -20.34 -20.59
CA GLN A 267 -19.62 -19.98 -21.91
C GLN A 267 -18.49 -19.63 -22.87
N THR A 268 -17.52 -18.85 -22.42
CA THR A 268 -16.34 -18.57 -23.23
C THR A 268 -15.38 -19.76 -23.27
N GLY A 269 -15.45 -20.65 -22.28
CA GLY A 269 -14.62 -21.83 -22.24
C GLY A 269 -13.18 -21.59 -21.88
N GLU A 270 -12.83 -20.36 -21.51
CA GLU A 270 -11.43 -19.95 -21.44
C GLU A 270 -11.10 -19.23 -20.14
N ILE A 271 -9.90 -18.64 -20.10
CA ILE A 271 -9.36 -17.94 -18.93
C ILE A 271 -9.00 -16.54 -19.41
N ARG A 272 -9.80 -15.55 -19.02
CA ARG A 272 -9.67 -14.20 -19.58
C ARG A 272 -9.36 -13.10 -18.58
N CYS A 273 -9.22 -13.42 -17.29
CA CYS A 273 -8.77 -12.43 -16.32
C CYS A 273 -8.01 -13.14 -15.22
N ALA A 274 -7.47 -12.35 -14.29
CA ALA A 274 -6.65 -12.92 -13.22
C ALA A 274 -7.45 -13.92 -12.39
N MET A 275 -8.67 -13.54 -11.99
CA MET A 275 -9.45 -14.42 -11.13
C MET A 275 -9.96 -15.67 -11.85
N ASP A 276 -9.99 -15.66 -13.18
CA ASP A 276 -10.24 -16.90 -13.92
C ASP A 276 -9.17 -17.93 -13.62
N HIS A 277 -7.90 -17.50 -13.65
CA HIS A 277 -6.80 -18.39 -13.27
C HIS A 277 -7.00 -18.94 -11.87
N ILE A 278 -7.41 -18.07 -10.94
CA ILE A 278 -7.58 -18.47 -9.55
C ILE A 278 -8.69 -19.51 -9.44
N LEU A 279 -9.83 -19.25 -10.09
CA LEU A 279 -10.92 -20.22 -10.10
C LEU A 279 -10.49 -21.51 -10.77
N GLU A 280 -9.63 -21.44 -11.78
CA GLU A 280 -9.12 -22.66 -12.42
C GLU A 280 -8.27 -23.45 -11.43
N ALA A 281 -7.51 -22.77 -10.58
CA ALA A 281 -6.75 -23.48 -9.55
C ALA A 281 -7.68 -24.15 -8.56
N GLU A 282 -8.80 -23.51 -8.23
CA GLU A 282 -9.79 -24.18 -7.38
C GLU A 282 -10.37 -25.40 -8.08
N ARG A 283 -10.74 -25.27 -9.35
CA ARG A 283 -11.30 -26.39 -10.08
C ARG A 283 -10.35 -27.57 -10.10
N LYS A 284 -9.05 -27.29 -10.22
CA LYS A 284 -8.03 -28.34 -10.20
C LYS A 284 -7.79 -28.90 -8.81
N GLY A 285 -8.43 -28.34 -7.77
CA GLY A 285 -8.25 -28.85 -6.43
C GLY A 285 -7.01 -28.38 -5.74
N GLU A 286 -6.36 -27.32 -6.24
CA GLU A 286 -5.16 -26.80 -5.59
C GLU A 286 -5.51 -25.90 -4.41
N ILE A 287 -6.64 -25.19 -4.49
CA ILE A 287 -7.14 -24.35 -3.41
C ILE A 287 -8.63 -24.61 -3.28
N ASN A 288 -9.23 -24.08 -2.22
CA ASN A 288 -10.66 -24.15 -2.03
C ASN A 288 -11.28 -22.78 -2.29
N HIS A 289 -12.61 -22.73 -2.27
CA HIS A 289 -13.28 -21.48 -2.64
C HIS A 289 -13.02 -20.38 -1.63
N ASP A 290 -12.80 -20.73 -0.36
CA ASP A 290 -12.43 -19.72 0.62
C ASP A 290 -11.12 -19.05 0.22
N ASN A 291 -10.12 -19.83 -0.18
CA ASN A 291 -8.86 -19.26 -0.65
C ASN A 291 -9.11 -18.27 -1.77
N VAL A 292 -10.02 -18.60 -2.69
CA VAL A 292 -10.33 -17.71 -3.80
C VAL A 292 -10.81 -16.37 -3.29
N LEU A 293 -11.76 -16.40 -2.34
CA LEU A 293 -12.33 -15.16 -1.83
C LEU A 293 -11.34 -14.38 -0.99
N TYR A 294 -10.46 -15.07 -0.25
CA TYR A 294 -9.44 -14.37 0.52
C TYR A 294 -8.46 -13.65 -0.39
N ILE A 295 -8.18 -14.20 -1.58
CA ILE A 295 -7.36 -13.48 -2.55
C ILE A 295 -8.04 -12.19 -2.95
N VAL A 296 -9.34 -12.25 -3.26
CA VAL A 296 -10.07 -11.04 -3.56
C VAL A 296 -10.04 -10.09 -2.36
N GLU A 297 -10.27 -10.63 -1.17
CA GLU A 297 -10.25 -9.80 0.03
C GLU A 297 -8.90 -9.11 0.19
N ASN A 298 -7.80 -9.85 -0.07
CA ASN A 298 -6.46 -9.29 0.09
C ASN A 298 -6.21 -8.17 -0.91
N ILE A 299 -6.52 -8.41 -2.18
CA ILE A 299 -6.21 -7.41 -3.20
C ILE A 299 -6.95 -6.11 -2.92
N ASN A 300 -8.18 -6.21 -2.39
CA ASN A 300 -8.96 -5.01 -2.14
C ASN A 300 -8.38 -4.17 -1.00
N VAL A 301 -7.68 -4.77 -0.03
CA VAL A 301 -7.05 -3.98 1.01
C VAL A 301 -5.58 -3.67 0.71
N ALA A 302 -4.94 -4.41 -0.19
CA ALA A 302 -3.51 -4.27 -0.42
C ALA A 302 -3.15 -3.37 -1.58
N ALA A 303 -4.06 -3.16 -2.53
CA ALA A 303 -3.69 -2.63 -3.83
C ALA A 303 -4.31 -1.30 -4.18
N ILE A 304 -5.47 -0.96 -3.62
CA ILE A 304 -6.28 0.14 -4.16
C ILE A 304 -5.96 1.45 -3.48
N GLU A 305 -6.27 1.56 -2.18
CA GLU A 305 -5.98 2.78 -1.45
C GLU A 305 -4.48 2.99 -1.29
N THR A 306 -3.73 1.89 -1.23
CA THR A 306 -2.29 1.98 -1.04
C THR A 306 -1.62 2.73 -2.18
N THR A 307 -1.94 2.33 -3.42
CA THR A 307 -1.41 3.03 -4.58
C THR A 307 -1.93 4.47 -4.62
N LEU A 308 -3.18 4.66 -4.24
CA LEU A 308 -3.80 5.99 -4.25
C LEU A 308 -3.03 6.96 -3.35
N TRP A 309 -2.62 6.51 -2.16
CA TRP A 309 -1.90 7.41 -1.25
C TRP A 309 -0.65 7.97 -1.92
N SER A 310 0.09 7.13 -2.64
CA SER A 310 1.30 7.60 -3.30
C SER A 310 0.98 8.55 -4.45
N ILE A 311 -0.08 8.26 -5.22
CA ILE A 311 -0.48 9.17 -6.28
C ILE A 311 -0.87 10.53 -5.69
N GLU A 312 -1.68 10.51 -4.63
CA GLU A 312 -2.09 11.77 -4.01
C GLU A 312 -0.88 12.52 -3.46
N TRP A 313 0.01 11.82 -2.76
CA TRP A 313 1.23 12.47 -2.26
C TRP A 313 2.01 13.11 -3.39
N GLY A 314 2.21 12.36 -4.48
CA GLY A 314 2.97 12.89 -5.59
C GLY A 314 2.34 14.14 -6.20
N ILE A 315 1.01 14.13 -6.35
CA ILE A 315 0.31 15.31 -6.82
C ILE A 315 0.57 16.49 -5.90
N ALA A 316 0.47 16.26 -4.59
CA ALA A 316 0.67 17.34 -3.64
C ALA A 316 2.06 17.94 -3.76
N GLU A 317 3.09 17.09 -3.88
CA GLU A 317 4.45 17.61 -3.97
C GLU A 317 4.71 18.28 -5.30
N LEU A 318 4.07 17.81 -6.38
CA LEU A 318 4.20 18.48 -7.66
C LEU A 318 3.57 19.87 -7.61
N VAL A 319 2.44 20.00 -6.90
CA VAL A 319 1.84 21.32 -6.72
C VAL A 319 2.81 22.24 -5.97
N ASN A 320 3.45 21.71 -4.93
CA ASN A 320 4.31 22.51 -4.07
C ASN A 320 5.71 22.72 -4.63
N HIS A 321 6.07 22.03 -5.71
CA HIS A 321 7.36 22.20 -6.38
C HIS A 321 7.10 22.47 -7.84
N PRO A 322 6.66 23.69 -8.18
CA PRO A 322 6.34 24.00 -9.58
C PRO A 322 7.49 23.76 -10.55
N ALA A 323 8.73 24.03 -10.14
CA ALA A 323 9.87 23.79 -11.02
C ALA A 323 9.98 22.32 -11.39
N ILE A 324 9.82 21.43 -10.41
CA ILE A 324 9.82 20.00 -10.69
C ILE A 324 8.68 19.63 -11.61
N GLN A 325 7.49 20.20 -11.37
CA GLN A 325 6.34 19.92 -12.22
C GLN A 325 6.62 20.35 -13.65
N SER A 326 7.20 21.54 -13.84
CA SER A 326 7.50 22.01 -15.19
C SER A 326 8.58 21.17 -15.85
N LYS A 327 9.58 20.74 -15.07
CA LYS A 327 10.63 19.89 -15.63
C LYS A 327 10.07 18.56 -16.10
N LEU A 328 9.13 17.99 -15.35
CA LEU A 328 8.47 16.77 -15.78
C LEU A 328 7.69 17.00 -17.07
N ARG A 329 6.88 18.05 -17.10
CA ARG A 329 6.12 18.35 -18.32
C ARG A 329 7.06 18.50 -19.52
N GLU A 330 8.22 19.12 -19.31
CA GLU A 330 9.15 19.32 -20.40
C GLU A 330 9.79 18.00 -20.84
N GLU A 331 10.03 17.09 -19.89
CA GLU A 331 10.57 15.79 -20.26
C GLU A 331 9.63 15.05 -21.20
N MET A 332 8.34 15.04 -20.87
CA MET A 332 7.39 14.27 -21.69
C MET A 332 7.21 14.91 -23.06
N ASP A 333 7.10 16.24 -23.12
CA ASP A 333 7.05 16.90 -24.41
C ASP A 333 8.31 16.61 -25.22
N SER A 334 9.47 16.64 -24.57
CA SER A 334 10.73 16.45 -25.29
C SER A 334 10.88 15.01 -25.77
N VAL A 335 10.55 14.04 -24.94
CA VAL A 335 10.78 12.64 -25.26
C VAL A 335 9.63 12.06 -26.08
N LEU A 336 8.38 12.35 -25.70
CA LEU A 336 7.23 11.80 -26.38
C LEU A 336 6.75 12.66 -27.53
N GLY A 337 7.03 13.96 -27.49
CA GLY A 337 6.45 14.90 -28.41
C GLY A 337 5.25 15.61 -27.79
N ALA A 338 5.04 16.85 -28.22
CA ALA A 338 3.92 17.62 -27.69
C ALA A 338 2.60 16.94 -28.05
N GLY A 339 1.71 16.85 -27.06
CA GLY A 339 0.38 16.32 -27.28
C GLY A 339 0.27 14.82 -27.36
N VAL A 340 1.36 14.09 -27.18
CA VAL A 340 1.39 12.63 -27.28
C VAL A 340 1.25 12.07 -25.88
N PRO A 341 0.17 11.35 -25.57
CA PRO A 341 -0.02 10.87 -24.19
C PRO A 341 1.03 9.84 -23.78
N VAL A 342 1.35 9.86 -22.49
CA VAL A 342 2.32 8.91 -21.93
C VAL A 342 1.67 7.54 -21.82
N THR A 343 2.44 6.50 -22.15
CA THR A 343 1.99 5.13 -22.03
C THR A 343 3.03 4.33 -21.24
N GLU A 344 2.62 3.14 -20.80
CA GLU A 344 3.50 2.33 -19.96
C GLU A 344 4.87 2.07 -20.58
N PRO A 345 4.98 1.69 -21.86
CA PRO A 345 6.33 1.46 -22.42
C PRO A 345 7.20 2.70 -22.44
N ASP A 346 6.62 3.89 -22.27
CA ASP A 346 7.40 5.12 -22.27
C ASP A 346 8.11 5.37 -20.95
N LEU A 347 7.68 4.72 -19.87
CA LEU A 347 8.23 5.05 -18.56
C LEU A 347 9.73 4.80 -18.50
N GLU A 348 10.22 3.76 -19.20
CA GLU A 348 11.65 3.48 -19.16
C GLU A 348 12.47 4.54 -19.87
N ARG A 349 11.85 5.40 -20.68
CA ARG A 349 12.56 6.52 -21.29
C ARG A 349 12.13 7.86 -20.73
N LEU A 350 11.47 7.85 -19.56
CA LEU A 350 11.12 9.06 -18.83
C LEU A 350 11.75 8.96 -17.44
N PRO A 351 13.09 9.03 -17.37
CA PRO A 351 13.75 8.81 -16.06
C PRO A 351 13.39 9.85 -15.01
N TYR A 352 13.07 11.08 -15.42
CA TYR A 352 12.67 12.07 -14.41
C TYR A 352 11.31 11.73 -13.82
N LEU A 353 10.36 11.31 -14.66
CA LEU A 353 9.08 10.83 -14.15
C LEU A 353 9.28 9.68 -13.17
N GLN A 354 10.08 8.68 -13.57
CA GLN A 354 10.37 7.56 -12.68
C GLN A 354 10.98 8.03 -11.38
N ALA A 355 11.87 9.02 -11.44
CA ALA A 355 12.53 9.55 -10.24
C ALA A 355 11.53 10.27 -9.34
N ILE A 356 10.59 11.01 -9.93
CA ILE A 356 9.53 11.63 -9.15
C ILE A 356 8.73 10.57 -8.40
N VAL A 357 8.47 9.43 -9.05
CA VAL A 357 7.75 8.36 -8.39
C VAL A 357 8.55 7.79 -7.23
N LYS A 358 9.85 7.56 -7.45
CA LYS A 358 10.68 7.00 -6.38
C LYS A 358 10.82 7.99 -5.23
N GLU A 359 10.92 9.29 -5.54
CA GLU A 359 11.06 10.28 -4.48
C GLU A 359 9.75 10.44 -3.70
N THR A 360 8.62 10.21 -4.35
CA THR A 360 7.35 10.20 -3.63
C THR A 360 7.26 9.01 -2.70
N LEU A 361 7.71 7.84 -3.16
CA LEU A 361 7.77 6.67 -2.30
C LEU A 361 8.80 6.81 -1.19
N ARG A 362 9.81 7.68 -1.37
CA ARG A 362 10.84 7.86 -0.34
C ARG A 362 10.38 8.85 0.72
N LEU A 363 10.20 10.12 0.33
CA LEU A 363 9.86 11.16 1.30
C LEU A 363 8.46 10.94 1.86
N ARG A 364 7.53 10.50 1.03
CA ARG A 364 6.13 10.34 1.41
C ARG A 364 5.73 8.87 1.43
N MET A 365 6.65 7.99 1.81
CA MET A 365 6.35 6.57 1.90
C MET A 365 5.05 6.37 2.66
N ALA A 366 4.05 5.80 1.99
CA ALA A 366 2.69 5.74 2.54
C ALA A 366 2.39 4.45 3.27
N ILE A 367 3.23 3.42 3.14
CA ILE A 367 3.18 2.23 3.99
C ILE A 367 4.49 2.25 4.79
N PRO A 368 4.57 3.07 5.83
CA PRO A 368 5.89 3.46 6.38
C PRO A 368 6.53 2.42 7.27
N LEU A 369 5.76 1.48 7.81
CA LEU A 369 6.28 0.38 8.61
C LEU A 369 6.12 -0.95 7.89
N LEU A 370 6.03 -0.92 6.56
CA LEU A 370 5.79 -2.11 5.74
C LEU A 370 4.56 -2.85 6.26
N VAL A 371 4.65 -4.17 6.31
CA VAL A 371 3.63 -5.03 6.92
C VAL A 371 4.34 -5.74 8.07
N PRO A 372 3.68 -6.02 9.19
CA PRO A 372 4.39 -6.67 10.29
C PRO A 372 4.95 -8.03 9.89
N HIS A 373 6.19 -8.29 10.30
CA HIS A 373 6.79 -9.61 10.21
C HIS A 373 6.70 -10.30 11.56
N MET A 374 7.01 -11.59 11.57
CA MET A 374 6.88 -12.39 12.78
C MET A 374 7.75 -13.63 12.66
N ASN A 375 8.36 -14.03 13.78
CA ASN A 375 9.20 -15.22 13.84
C ASN A 375 8.41 -16.33 14.52
N LEU A 376 8.16 -17.42 13.79
CA LEU A 376 7.43 -18.54 14.38
C LEU A 376 8.17 -19.15 15.55
N ASN A 377 9.50 -19.10 15.53
CA ASN A 377 10.33 -19.69 16.57
C ASN A 377 11.22 -18.62 17.18
N ASP A 378 11.72 -18.89 18.37
CA ASP A 378 12.70 -18.01 19.00
C ASP A 378 13.81 -17.70 18.00
N GLY A 379 14.21 -16.44 17.95
CA GLY A 379 15.21 -16.02 16.99
C GLY A 379 16.21 -15.04 17.58
N LYS A 380 17.05 -14.47 16.71
CA LYS A 380 18.05 -13.50 17.13
C LYS A 380 18.13 -12.39 16.09
N LEU A 381 18.24 -11.15 16.59
CA LEU A 381 18.46 -9.98 15.76
C LEU A 381 19.49 -9.12 16.47
N ALA A 382 20.58 -8.77 15.77
CA ALA A 382 21.64 -7.95 16.35
C ALA A 382 22.16 -8.58 17.64
N GLY A 383 22.11 -9.91 17.74
CA GLY A 383 22.58 -10.61 18.90
C GLY A 383 21.59 -10.69 20.05
N TYR A 384 20.46 -10.01 19.96
CA TYR A 384 19.44 -10.08 21.00
C TYR A 384 18.51 -11.24 20.73
N ASP A 385 17.97 -11.82 21.80
CA ASP A 385 16.98 -12.88 21.68
C ASP A 385 15.62 -12.28 21.38
N ILE A 386 14.91 -12.88 20.42
CA ILE A 386 13.61 -12.42 19.99
C ILE A 386 12.59 -13.52 20.31
N PRO A 387 11.71 -13.33 21.29
CA PRO A 387 10.74 -14.39 21.60
C PRO A 387 9.93 -14.78 20.39
N ALA A 388 9.65 -16.08 20.27
CA ALA A 388 8.76 -16.56 19.23
C ALA A 388 7.48 -15.74 19.21
N GLU A 389 6.98 -15.46 18.00
CA GLU A 389 5.71 -14.79 17.77
C GLU A 389 5.78 -13.29 18.07
N SER A 390 6.97 -12.73 18.14
CA SER A 390 7.10 -11.29 18.28
C SER A 390 6.69 -10.59 16.99
N LYS A 391 6.08 -9.41 17.14
CA LYS A 391 5.80 -8.56 16.00
C LYS A 391 7.05 -7.77 15.65
N ILE A 392 7.51 -7.91 14.42
CA ILE A 392 8.74 -7.25 13.95
C ILE A 392 8.35 -6.14 13.00
N LEU A 393 8.73 -4.91 13.33
CA LEU A 393 8.44 -3.75 12.49
C LEU A 393 9.74 -3.15 11.97
N VAL A 394 9.83 -2.98 10.66
CA VAL A 394 10.91 -2.23 10.05
C VAL A 394 10.40 -0.80 9.85
N ASN A 395 11.11 0.18 10.43
CA ASN A 395 10.73 1.57 10.21
C ASN A 395 11.28 2.01 8.85
N ALA A 396 10.59 1.57 7.80
CA ALA A 396 11.07 1.81 6.44
C ALA A 396 11.05 3.29 6.10
N TRP A 397 10.10 4.05 6.62
CA TRP A 397 10.14 5.48 6.36
C TRP A 397 11.43 6.09 6.89
N PHE A 398 11.82 5.71 8.10
CA PHE A 398 13.04 6.27 8.66
C PHE A 398 14.27 5.84 7.85
N LEU A 399 14.34 4.57 7.49
CA LEU A 399 15.45 4.11 6.65
C LEU A 399 15.59 5.02 5.44
N ALA A 400 14.46 5.36 4.81
CA ALA A 400 14.44 6.16 3.59
C ALA A 400 14.63 7.65 3.85
N ASN A 401 14.65 8.08 5.11
CA ASN A 401 14.72 9.51 5.42
C ASN A 401 15.75 9.84 6.49
N ASP A 402 16.60 8.91 6.85
CA ASP A 402 17.61 9.13 7.88
C ASP A 402 18.62 10.16 7.40
N PRO A 403 18.74 11.32 8.05
CA PRO A 403 19.69 12.34 7.56
C PRO A 403 21.14 11.89 7.60
N LYS A 404 21.47 10.83 8.34
CA LYS A 404 22.83 10.32 8.36
C LYS A 404 23.14 9.44 7.16
N ARG A 405 22.14 9.03 6.39
CA ARG A 405 22.31 8.09 5.29
C ARG A 405 21.83 8.62 3.96
N TRP A 406 21.24 9.81 3.92
CA TRP A 406 20.77 10.44 2.70
C TRP A 406 21.27 11.88 2.67
N VAL A 407 21.31 12.47 1.47
CA VAL A 407 21.66 13.87 1.32
C VAL A 407 20.38 14.68 1.43
N ARG A 408 20.19 15.33 2.59
CA ARG A 408 19.05 16.19 2.89
C ARG A 408 17.76 15.48 2.52
N PRO A 409 17.42 14.40 3.23
CA PRO A 409 16.19 13.65 2.90
C PRO A 409 14.91 14.45 3.09
N ASP A 410 14.95 15.54 3.86
CA ASP A 410 13.75 16.35 4.07
C ASP A 410 13.29 17.03 2.80
N GLU A 411 14.15 17.14 1.79
CA GLU A 411 13.79 17.77 0.54
C GLU A 411 13.11 16.77 -0.39
N PHE A 412 12.08 17.23 -1.08
CA PHE A 412 11.52 16.50 -2.22
C PHE A 412 12.41 16.82 -3.41
N ARG A 413 13.40 15.98 -3.66
CA ARG A 413 14.40 16.21 -4.70
C ARG A 413 14.50 14.97 -5.57
N PRO A 414 13.63 14.82 -6.57
CA PRO A 414 13.71 13.64 -7.44
C PRO A 414 15.07 13.48 -8.08
N GLU A 415 15.80 14.59 -8.25
CA GLU A 415 17.12 14.53 -8.87
C GLU A 415 18.08 13.62 -8.12
N ARG A 416 17.84 13.36 -6.83
CA ARG A 416 18.74 12.47 -6.11
C ARG A 416 18.81 11.10 -6.76
N PHE A 417 17.70 10.64 -7.35
CA PHE A 417 17.65 9.36 -8.05
C PHE A 417 18.22 9.43 -9.45
N LEU A 418 18.72 10.58 -9.87
CA LEU A 418 19.52 10.72 -11.08
C LEU A 418 20.97 11.07 -10.79
N GLU A 419 21.31 11.31 -9.53
CA GLU A 419 22.63 11.79 -9.14
C GLU A 419 23.24 10.83 -8.14
N GLU A 420 23.31 11.20 -6.86
CA GLU A 420 24.02 10.35 -5.90
C GLU A 420 23.28 9.05 -5.62
N GLU A 421 21.99 8.97 -5.93
CA GLU A 421 21.21 7.76 -5.71
C GLU A 421 20.79 7.11 -7.03
N LYS A 422 21.55 7.32 -8.10
CA LYS A 422 21.08 6.97 -9.43
C LYS A 422 20.96 5.46 -9.65
N THR A 423 21.57 4.63 -8.80
CA THR A 423 21.41 3.19 -8.92
C THR A 423 20.40 2.61 -7.93
N VAL A 424 19.78 3.44 -7.11
CA VAL A 424 18.83 2.99 -6.09
C VAL A 424 17.45 2.88 -6.72
N GLU A 425 16.82 1.72 -6.57
CA GLU A 425 15.55 1.42 -7.22
C GLU A 425 14.49 1.04 -6.20
N ALA A 426 13.23 1.11 -6.64
CA ALA A 426 12.11 0.90 -5.74
C ALA A 426 12.00 -0.54 -5.22
N HIS A 427 12.59 -1.51 -5.93
CA HIS A 427 12.46 -2.90 -5.52
C HIS A 427 13.43 -3.28 -4.41
N GLY A 428 14.16 -2.32 -3.85
CA GLY A 428 14.89 -2.56 -2.62
C GLY A 428 16.27 -3.17 -2.79
N ASN A 429 16.98 -2.84 -3.86
CA ASN A 429 18.37 -3.26 -3.99
C ASN A 429 19.28 -2.54 -3.00
N ASP A 430 18.80 -1.46 -2.38
CA ASP A 430 19.52 -0.72 -1.36
C ASP A 430 18.64 -0.69 -0.11
N PHE A 431 19.15 -1.23 0.99
CA PHE A 431 18.30 -1.45 2.15
C PHE A 431 17.95 -0.16 2.91
N ARG A 432 18.35 1.00 2.40
CA ARG A 432 17.80 2.26 2.91
C ARG A 432 16.43 2.56 2.32
N PHE A 433 16.09 1.94 1.19
CA PHE A 433 14.92 2.31 0.39
C PHE A 433 14.17 1.03 0.04
N VAL A 434 13.24 0.64 0.89
CA VAL A 434 12.53 -0.62 0.72
C VAL A 434 11.02 -0.38 0.75
N PRO A 435 10.49 0.55 -0.06
CA PRO A 435 9.05 0.84 0.00
C PRO A 435 8.18 -0.35 -0.34
N PHE A 436 8.68 -1.32 -1.10
CA PHE A 436 7.94 -2.54 -1.43
C PHE A 436 8.52 -3.76 -0.75
N GLY A 437 9.29 -3.56 0.31
CA GLY A 437 9.94 -4.66 0.96
C GLY A 437 11.07 -5.25 0.13
N VAL A 438 11.62 -6.33 0.65
CA VAL A 438 12.70 -7.07 -0.01
C VAL A 438 12.50 -8.54 0.30
N GLY A 439 12.86 -9.40 -0.65
CA GLY A 439 12.94 -10.80 -0.36
C GLY A 439 11.59 -11.50 -0.39
N ARG A 440 11.45 -12.51 0.47
CA ARG A 440 10.39 -13.50 0.29
C ARG A 440 9.01 -12.88 0.45
N ARG A 441 8.81 -12.00 1.43
CA ARG A 441 7.51 -11.40 1.68
C ARG A 441 7.36 -10.04 1.01
N SER A 442 8.22 -9.71 0.04
CA SER A 442 8.15 -8.41 -0.61
C SER A 442 6.87 -8.26 -1.42
N CYS A 443 6.56 -7.02 -1.76
CA CYS A 443 5.33 -6.76 -2.51
C CYS A 443 5.44 -7.34 -3.92
N PRO A 444 4.59 -8.28 -4.31
CA PRO A 444 4.54 -8.69 -5.72
C PRO A 444 3.87 -7.66 -6.59
N GLY A 445 3.06 -6.78 -6.01
CA GLY A 445 2.34 -5.77 -6.78
C GLY A 445 3.19 -4.61 -7.25
N ILE A 446 4.46 -4.56 -6.85
CA ILE A 446 5.35 -3.50 -7.32
C ILE A 446 5.28 -3.36 -8.83
N ILE A 447 5.19 -4.49 -9.54
CA ILE A 447 5.18 -4.50 -10.99
C ILE A 447 3.95 -3.81 -11.55
N LEU A 448 2.88 -3.71 -10.76
CA LEU A 448 1.68 -3.00 -11.17
C LEU A 448 1.64 -1.57 -10.63
N ALA A 449 2.08 -1.37 -9.40
CA ALA A 449 1.97 -0.06 -8.77
C ALA A 449 2.84 0.97 -9.47
N LEU A 450 4.08 0.61 -9.76
CA LEU A 450 5.00 1.57 -10.36
C LEU A 450 4.50 2.14 -11.67
N PRO A 451 4.09 1.32 -12.66
CA PRO A 451 3.54 1.91 -13.89
C PRO A 451 2.25 2.69 -13.67
N ILE A 452 1.38 2.24 -12.77
CA ILE A 452 0.13 2.96 -12.57
C ILE A 452 0.41 4.36 -12.02
N ILE A 453 1.30 4.47 -11.03
CA ILE A 453 1.62 5.77 -10.48
C ILE A 453 2.24 6.66 -11.54
N GLY A 454 3.21 6.12 -12.28
CA GLY A 454 3.91 6.92 -13.27
C GLY A 454 2.99 7.41 -14.38
N ILE A 455 2.16 6.51 -14.91
CA ILE A 455 1.20 6.89 -15.94
C ILE A 455 0.28 7.98 -15.42
N THR A 456 -0.26 7.79 -14.22
CA THR A 456 -1.27 8.70 -13.69
C THR A 456 -0.69 10.09 -13.48
N LEU A 457 0.44 10.19 -12.79
CA LEU A 457 1.07 11.49 -12.58
C LEU A 457 1.45 12.13 -13.91
N GLY A 458 2.02 11.34 -14.83
CA GLY A 458 2.39 11.89 -16.12
C GLY A 458 1.20 12.42 -16.89
N ARG A 459 0.11 11.65 -16.92
CA ARG A 459 -1.07 12.08 -17.64
C ARG A 459 -1.63 13.38 -17.06
N LEU A 460 -1.68 13.48 -15.73
CA LEU A 460 -2.18 14.70 -15.12
C LEU A 460 -1.32 15.90 -15.51
N VAL A 461 0.00 15.75 -15.43
CA VAL A 461 0.87 16.89 -15.72
C VAL A 461 0.85 17.23 -17.20
N GLN A 462 0.59 16.24 -18.06
CA GLN A 462 0.50 16.52 -19.49
C GLN A 462 -0.70 17.39 -19.84
N ASN A 463 -1.71 17.39 -18.99
CA ASN A 463 -2.97 18.06 -19.32
C ASN A 463 -3.31 19.23 -18.41
N PHE A 464 -2.73 19.30 -17.22
CA PHE A 464 -3.05 20.38 -16.29
C PHE A 464 -1.80 21.02 -15.72
N GLN A 465 -1.90 22.31 -15.42
CA GLN A 465 -1.09 22.93 -14.38
C GLN A 465 -1.72 22.58 -13.04
N LEU A 466 -0.95 21.92 -12.17
CA LEU A 466 -1.44 21.53 -10.86
C LEU A 466 -1.08 22.63 -9.86
N LEU A 467 -2.08 23.31 -9.34
CA LEU A 467 -1.92 24.52 -8.55
C LEU A 467 -2.63 24.38 -7.22
N PRO A 468 -2.23 25.17 -6.22
CA PRO A 468 -2.97 25.19 -4.95
C PRO A 468 -4.25 25.98 -5.11
N PRO A 469 -5.19 25.87 -4.17
CA PRO A 469 -6.42 26.65 -4.29
C PRO A 469 -6.14 28.13 -4.15
N PRO A 470 -7.00 28.99 -4.68
CA PRO A 470 -6.67 30.45 -4.74
C PRO A 470 -6.24 31.07 -3.42
N GLY A 471 -6.76 30.64 -2.28
CA GLY A 471 -6.39 31.23 -1.02
C GLY A 471 -5.08 30.76 -0.45
N GLN A 472 -4.33 29.95 -1.19
CA GLN A 472 -3.16 29.29 -0.64
C GLN A 472 -1.99 29.35 -1.60
N ASP A 473 -0.79 29.33 -1.03
CA ASP A 473 0.44 29.22 -1.80
C ASP A 473 0.95 27.79 -1.90
N LYS A 474 0.50 26.90 -1.00
CA LYS A 474 0.96 25.52 -1.00
C LYS A 474 -0.18 24.61 -0.56
N ILE A 475 -0.08 23.35 -0.98
CA ILE A 475 -0.92 22.29 -0.42
C ILE A 475 -0.40 21.95 0.97
N ASP A 476 -1.31 21.86 1.94
CA ASP A 476 -0.92 21.46 3.29
C ASP A 476 -0.49 19.99 3.26
N THR A 477 0.80 19.74 3.40
CA THR A 477 1.34 18.38 3.30
C THR A 477 1.61 17.76 4.67
N THR A 478 0.96 18.25 5.72
CA THR A 478 1.09 17.63 7.04
C THR A 478 0.74 16.14 6.96
N GLU A 479 1.60 15.32 7.56
CA GLU A 479 1.37 13.88 7.57
C GLU A 479 0.29 13.49 8.58
N LYS A 480 -0.38 12.38 8.31
CA LYS A 480 -1.15 11.65 9.31
C LYS A 480 -0.49 10.29 9.45
N PRO A 481 0.52 10.14 10.30
CA PRO A 481 1.22 8.86 10.41
C PRO A 481 0.48 7.90 11.32
N GLY A 482 0.25 6.69 10.82
CA GLY A 482 -0.32 5.62 11.60
C GLY A 482 0.46 4.35 11.41
N GLN A 483 0.10 3.33 12.20
CA GLN A 483 0.80 2.06 12.12
C GLN A 483 0.68 1.44 10.73
N PHE A 484 -0.41 1.73 10.03
CA PHE A 484 -0.68 1.11 8.73
C PHE A 484 -0.32 2.00 7.56
N SER A 485 -0.54 3.31 7.66
CA SER A 485 -0.36 4.18 6.51
C SER A 485 0.15 5.54 6.95
N ASN A 486 0.79 6.21 6.00
CA ASN A 486 1.26 7.60 6.13
C ASN A 486 0.57 8.38 5.02
N GLN A 487 -0.66 8.80 5.26
CA GLN A 487 -1.44 9.54 4.28
C GLN A 487 -1.35 11.04 4.55
N ILE A 488 -1.55 11.82 3.49
CA ILE A 488 -1.73 13.26 3.66
C ILE A 488 -2.90 13.48 4.60
N ALA A 489 -2.68 14.25 5.68
CA ALA A 489 -3.67 14.33 6.75
C ALA A 489 -4.99 14.86 6.26
N LYS A 490 -4.96 15.89 5.42
CA LYS A 490 -6.14 16.44 4.78
C LYS A 490 -6.10 16.08 3.30
N HIS A 491 -7.14 15.41 2.81
CA HIS A 491 -7.24 15.11 1.39
C HIS A 491 -7.08 16.40 0.60
N ALA A 492 -6.19 16.38 -0.39
CA ALA A 492 -5.74 17.61 -1.03
C ALA A 492 -6.78 18.13 -2.01
N THR A 493 -7.07 19.43 -1.92
CA THR A 493 -7.83 20.14 -2.92
C THR A 493 -6.86 20.73 -3.93
N ILE A 494 -6.94 20.26 -5.18
CA ILE A 494 -5.99 20.62 -6.22
C ILE A 494 -6.73 21.43 -7.28
N VAL A 495 -6.15 22.56 -7.68
CA VAL A 495 -6.63 23.28 -8.85
C VAL A 495 -5.97 22.66 -10.08
N CYS A 496 -6.78 22.19 -11.00
CA CYS A 496 -6.31 21.56 -12.23
C CYS A 496 -6.69 22.49 -13.38
N LYS A 497 -5.76 23.36 -13.74
CA LYS A 497 -5.96 24.31 -14.81
C LYS A 497 -5.56 23.70 -16.15
N PRO A 498 -6.46 23.55 -17.11
CA PRO A 498 -6.05 23.00 -18.41
C PRO A 498 -4.93 23.84 -19.00
N LEU A 499 -3.96 23.15 -19.62
CA LEU A 499 -2.85 23.87 -20.23
C LEU A 499 -3.33 24.83 -21.30
N GLU A 500 -4.38 24.45 -22.03
CA GLU A 500 -4.94 25.31 -23.08
C GLU A 500 -5.67 26.52 -22.54
N ALA A 501 -5.98 26.53 -21.24
CA ALA A 501 -6.78 27.62 -20.66
C ALA A 501 -5.95 28.87 -20.41
N1 EPE B . -2.71 -4.57 4.38
C2 EPE B . -2.44 -5.59 3.38
C3 EPE B . -1.05 -5.46 2.79
N4 EPE B . -0.79 -4.12 2.29
C5 EPE B . -1.06 -3.07 3.25
C6 EPE B . -2.40 -3.21 3.97
C7 EPE B . 0.55 -3.99 1.77
C8 EPE B . 0.50 -3.11 0.52
O8 EPE B . 0.10 -3.92 -0.56
C9 EPE B . -4.07 -4.65 4.84
C10 EPE B . -4.18 -4.03 6.22
S EPE B . -5.93 -3.91 6.65
O1S EPE B . -6.59 -5.27 6.58
O2S EPE B . -6.67 -3.10 5.61
O3S EPE B . -6.10 -3.30 8.02
H21 EPE B . -2.53 -6.47 3.79
H22 EPE B . -3.09 -5.50 2.66
H31 EPE B . -0.94 -6.08 2.06
H32 EPE B . -0.39 -5.66 3.47
H51 EPE B . -1.06 -2.21 2.78
H52 EPE B . -0.36 -3.07 3.91
H61 EPE B . -2.39 -2.65 4.75
H62 EPE B . -3.10 -2.91 3.36
H71 EPE B . 0.90 -4.85 1.54
H72 EPE B . 1.12 -3.56 2.43
H81 EPE B . 1.37 -2.73 0.35
H82 EPE B . -0.15 -2.40 0.65
HO8 EPE B . -0.27 -3.45 -1.16
H91 EPE B . -4.35 -5.58 4.87
H92 EPE B . -4.65 -4.18 4.22
H101 EPE B . -3.72 -4.59 6.87
H102 EPE B . -3.78 -3.14 6.22
CHA HEM C . 2.90 -6.70 0.45
CHB HEM C . 3.94 -2.06 -0.50
CHC HEM C . 0.67 -2.09 -4.06
CHD HEM C . -0.10 -6.82 -3.33
C1A HEM C . 3.43 -5.43 0.52
C2A HEM C . 4.39 -4.99 1.50
C3A HEM C . 4.68 -3.71 1.25
C4A HEM C . 3.92 -3.30 0.09
CMA HEM C . 5.64 -2.80 2.05
CAA HEM C . 4.93 -5.86 2.65
CBA HEM C . 6.45 -5.99 2.58
CGA HEM C . 6.89 -6.79 3.78
O1A HEM C . 8.11 -6.76 4.11
O2A HEM C . 6.03 -7.44 4.43
C1B HEM C . 3.12 -1.66 -1.53
C2B HEM C . 3.03 -0.31 -2.05
C3B HEM C . 2.12 -0.32 -3.03
C4B HEM C . 1.62 -1.67 -3.16
CMB HEM C . 3.87 0.88 -1.52
CAB HEM C . 1.67 0.85 -3.93
CBB HEM C . 2.37 1.98 -4.01
C1C HEM C . 0.22 -3.39 -4.22
C2C HEM C . -0.64 -3.88 -5.29
C3C HEM C . -0.85 -5.19 -5.08
C4C HEM C . -0.14 -5.56 -3.88
CMC HEM C . -1.16 -2.99 -6.43
CAC HEM C . -1.66 -6.24 -5.87
CBC HEM C . -2.24 -5.95 -7.03
C1D HEM C . 0.61 -7.19 -2.21
C2D HEM C . 0.59 -8.49 -1.59
C3D HEM C . 1.42 -8.46 -0.54
C4D HEM C . 2.00 -7.14 -0.48
CMD HEM C . -0.25 -9.69 -2.06
CAD HEM C . 1.72 -9.62 0.43
CBD HEM C . 3.01 -10.33 0.05
CGD HEM C . 3.28 -11.47 0.99
O1D HEM C . 3.02 -11.33 2.22
O2D HEM C . 3.78 -12.53 0.53
NA HEM C . 3.17 -4.38 -0.32
NB HEM C . 2.24 -2.46 -2.22
NC HEM C . 0.51 -4.44 -3.38
ND HEM C . 1.48 -6.38 -1.52
FE HEM C . 1.87 -4.43 -1.90
HHB HEM C . 4.59 -1.41 -0.15
HHC HEM C . 0.28 -1.42 -4.65
HHD HEM C . -0.64 -7.51 -3.77
HMA HEM C . 5.46 -2.90 3.01
HMAA HEM C . 5.51 -1.87 1.78
HMAB HEM C . 6.57 -3.07 1.87
HAA HEM C . 4.54 -6.75 2.58
HAAA HEM C . 4.69 -5.47 3.50
HBA HEM C . 6.86 -5.11 2.60
HBAA HEM C . 6.70 -6.45 1.77
HMB HEM C . 4.03 0.76 -0.57
HMBA HEM C . 3.38 1.71 -1.67
HMBB HEM C . 4.72 0.90 -1.99
HAB HEM C . 0.85 0.76 -4.43
HBB HEM C . 2.06 2.70 -4.59
HBBA HEM C . 3.19 2.09 -3.51
HMC HEM C . -1.46 -2.13 -6.07
HMCA HEM C . -1.91 -3.43 -6.87
HMCB HEM C . -0.45 -2.84 -7.07
HAC HEM C . -1.75 -7.13 -5.51
HBC HEM C . -2.75 -6.63 -7.50
HBCA HEM C . -2.17 -5.06 -7.41
HMD HEM C . -0.06 -10.48 -1.49
HMDA HEM C . -0.03 -9.91 -2.99
HMDB HEM C . -1.20 -9.47 -2.00
HAD HEM C . 0.99 -10.25 0.41
HADA HEM C . 1.81 -9.27 1.33
HBD HEM C . 3.76 -9.70 0.08
HBDA HEM C . 2.94 -10.68 -0.86
HHA HEM C . 3.19 -7.34 1.13
C1 GOL D . 0.23 9.29 27.84
O1 GOL D . 0.15 10.16 26.74
C2 GOL D . -0.14 7.91 27.32
O2 GOL D . -1.31 7.72 26.60
C3 GOL D . 1.05 7.52 26.43
O3 GOL D . 1.02 8.33 25.28
H11 GOL D . -0.38 9.55 28.55
H12 GOL D . 1.12 9.27 28.23
HO1 GOL D . 0.49 10.89 26.98
H2 GOL D . -0.19 7.30 28.05
HO2 GOL D . -1.60 6.95 26.43
H31 GOL D . 1.87 7.63 26.96
H32 GOL D . 1.00 6.58 26.25
HO3 GOL D . 1.65 8.90 25.35
C1 GOL E . -1.97 -6.28 12.98
O1 GOL E . -1.56 -5.77 14.23
C2 GOL E . -1.26 -7.64 12.83
O2 GOL E . -1.53 -8.50 13.86
C3 GOL E . -1.76 -8.20 11.49
O3 GOL E . -0.76 -7.97 10.57
H11 GOL E . -2.93 -6.42 12.92
H12 GOL E . -1.73 -5.71 12.24
HO1 GOL E . -1.99 -5.05 14.35
H2 GOL E . -0.30 -7.50 12.83
HO2 GOL E . -2.27 -8.91 13.68
H31 GOL E . -1.99 -9.13 11.60
H32 GOL E . -2.61 -7.77 11.27
#